data_3FL1
#
_entry.id   3FL1
#
_cell.length_a   37.530
_cell.length_b   65.130
_cell.length_c   55.270
_cell.angle_alpha   90.00
_cell.angle_beta   96.33
_cell.angle_gamma   90.00
#
_symmetry.space_group_name_H-M   'P 1 21 1'
#
loop_
_entity.id
_entity.type
_entity.pdbx_description
1 polymer 'Ribonuclease pancreatic'
2 branched alpha-D-glucopyranose-(1-1)-alpha-D-glucopyranose
3 non-polymer "2'-DEOXYCYTIDINE-2'-DEOXYGUANOSINE-3',5'-MONOPHOSPHATE"
4 non-polymer 'SULFATE ION'
5 water water
#
_entity_poly.entity_id   1
_entity_poly.type   'polypeptide(L)'
_entity_poly.pdbx_seq_one_letter_code
;KETAAAKFERQHMDSSTSPASSSNYCNLMM(YCM)(YCM)RNLTKDRCKPVNTFVHESLADVQAVCSQKNVACKNGQTNC
YQSYSTMSITDCRETGSSKYPNCAYKTTQANKHIIVACEGNPYVPVHFDASV
;
_entity_poly.pdbx_strand_id   A,B
#
# COMPACT_ATOMS: atom_id res chain seq x y z
N LYS A 1 14.31 -28.47 -9.16
CA LYS A 1 12.85 -28.33 -8.87
C LYS A 1 12.64 -27.34 -7.71
N GLU A 2 11.89 -26.25 -7.97
CA GLU A 2 11.60 -25.24 -6.91
C GLU A 2 10.63 -25.93 -5.94
N THR A 3 10.82 -25.79 -4.63
CA THR A 3 9.87 -26.43 -3.77
C THR A 3 8.43 -25.91 -3.84
N ALA A 4 7.51 -26.73 -3.29
CA ALA A 4 6.06 -26.38 -3.21
C ALA A 4 5.96 -25.11 -2.33
N ALA A 5 6.77 -25.10 -1.26
CA ALA A 5 6.77 -23.97 -0.34
C ALA A 5 7.32 -22.71 -1.06
N ALA A 6 8.43 -22.89 -1.81
CA ALA A 6 8.99 -21.72 -2.47
C ALA A 6 8.09 -21.25 -3.58
N LYS A 7 7.38 -22.19 -4.23
CA LYS A 7 6.44 -21.78 -5.32
C LYS A 7 5.30 -20.91 -4.73
N PHE A 8 4.85 -21.29 -3.54
CA PHE A 8 3.78 -20.54 -2.89
C PHE A 8 4.30 -19.14 -2.60
N GLU A 9 5.53 -19.06 -2.13
CA GLU A 9 6.09 -17.70 -1.83
C GLU A 9 6.21 -16.89 -3.10
N ARG A 10 6.65 -17.53 -4.19
CA ARG A 10 6.75 -16.76 -5.44
C ARG A 10 5.39 -16.29 -5.99
N GLN A 11 4.39 -17.16 -5.94
CA GLN A 11 3.14 -16.72 -6.50
C GLN A 11 2.33 -15.89 -5.58
N HIS A 12 2.56 -15.94 -4.26
CA HIS A 12 1.62 -15.27 -3.40
C HIS A 12 2.15 -14.30 -2.32
N MET A 13 3.46 -14.32 -1.98
CA MET A 13 3.98 -13.44 -0.90
C MET A 13 4.59 -12.15 -1.46
N ASP A 14 4.21 -11.05 -0.85
CA ASP A 14 4.81 -9.78 -1.21
C ASP A 14 4.73 -8.95 0.08
N SER A 15 5.49 -9.37 1.04
CA SER A 15 5.48 -8.76 2.40
C SER A 15 6.00 -7.36 2.45
N SER A 16 5.22 -6.48 3.07
CA SER A 16 5.53 -5.07 3.30
C SER A 16 5.62 -4.26 2.06
N SER A 23 10.88 2.56 -1.64
CA SER A 23 11.66 2.00 -0.48
C SER A 23 12.77 2.99 -0.16
N ASN A 24 13.60 3.35 -1.14
CA ASN A 24 14.55 4.42 -0.91
C ASN A 24 13.75 5.63 -1.49
N TYR A 25 12.41 5.44 -1.66
CA TYR A 25 11.52 6.53 -2.17
C TYR A 25 11.70 7.74 -1.19
N CYS A 26 11.50 7.48 0.13
CA CYS A 26 11.64 8.61 1.09
C CYS A 26 13.04 9.22 1.04
N ASN A 27 14.08 8.36 1.06
CA ASN A 27 15.45 8.96 0.95
C ASN A 27 15.59 9.98 -0.18
N LEU A 28 15.16 9.64 -1.39
CA LEU A 28 15.27 10.58 -2.49
C LEU A 28 14.33 11.80 -2.42
N MET A 29 13.04 11.59 -2.09
CA MET A 29 12.07 12.65 -2.12
C MET A 29 12.35 13.64 -1.03
N MET A 30 12.76 13.15 0.16
CA MET A 30 13.05 14.06 1.30
C MET A 30 14.19 15.00 0.85
N ARG A 33 13.00 17.39 -2.27
CA ARG A 33 12.07 18.47 -1.90
C ARG A 33 12.70 19.42 -0.89
N ASN A 34 14.01 19.31 -0.75
CA ASN A 34 14.75 20.17 0.16
C ASN A 34 14.39 19.98 1.60
N LEU A 35 13.98 18.79 1.96
CA LEU A 35 13.66 18.58 3.39
C LEU A 35 14.87 18.05 4.21
N THR A 36 16.05 17.98 3.61
CA THR A 36 17.22 17.52 4.34
C THR A 36 18.42 18.51 4.21
N LYS A 37 18.10 19.71 3.71
CA LYS A 37 19.11 20.76 3.49
C LYS A 37 20.05 21.09 4.65
N ASP A 38 19.54 21.46 5.80
CA ASP A 38 20.50 21.74 6.88
C ASP A 38 20.30 20.83 8.10
N ARG A 39 19.29 19.95 8.01
CA ARG A 39 18.99 19.06 9.10
C ARG A 39 18.03 17.98 8.52
N CYS A 40 17.94 16.83 9.13
CA CYS A 40 17.00 15.86 8.58
C CYS A 40 15.59 16.14 9.14
N LYS A 41 14.63 16.58 8.31
CA LYS A 41 13.24 16.71 8.86
C LYS A 41 12.87 15.30 9.38
N PRO A 42 12.45 15.15 10.64
CA PRO A 42 12.13 13.85 11.19
C PRO A 42 11.04 12.99 10.61
N VAL A 43 9.94 13.60 10.19
CA VAL A 43 8.85 12.80 9.59
C VAL A 43 8.20 13.68 8.52
N ASN A 44 7.64 13.07 7.47
CA ASN A 44 6.96 13.87 6.43
C ASN A 44 5.99 12.88 5.67
N THR A 45 4.95 13.42 5.05
CA THR A 45 3.99 12.62 4.33
C THR A 45 3.79 13.18 2.95
N PHE A 46 3.71 12.29 1.94
CA PHE A 46 3.48 12.73 0.55
C PHE A 46 2.13 12.14 0.15
N VAL A 47 1.37 12.86 -0.67
CA VAL A 47 0.00 12.43 -1.06
C VAL A 47 0.12 12.19 -2.55
N HIS A 48 -0.42 11.05 -3.00
CA HIS A 48 -0.29 10.65 -4.39
C HIS A 48 -1.53 10.91 -5.26
N GLU A 49 -2.53 11.56 -4.65
CA GLU A 49 -3.74 11.90 -5.43
C GLU A 49 -3.42 13.16 -6.24
N SER A 50 -4.31 13.49 -7.18
CA SER A 50 -4.08 14.72 -8.01
C SER A 50 -4.13 15.95 -7.10
N LEU A 51 -3.57 17.05 -7.58
CA LEU A 51 -3.55 18.25 -6.80
C LEU A 51 -4.99 18.72 -6.61
N ALA A 52 -5.79 18.57 -7.68
CA ALA A 52 -7.16 19.02 -7.57
C ALA A 52 -7.91 18.24 -6.45
N ASP A 53 -7.74 16.91 -6.38
CA ASP A 53 -8.44 16.18 -5.33
C ASP A 53 -7.96 16.57 -3.89
N VAL A 54 -6.68 16.91 -3.79
CA VAL A 54 -6.18 17.31 -2.48
C VAL A 54 -6.72 18.71 -2.06
N GLN A 55 -6.78 19.61 -3.01
CA GLN A 55 -7.25 20.97 -2.76
C GLN A 55 -8.74 20.92 -2.42
N ALA A 56 -9.50 20.01 -3.05
CA ALA A 56 -10.92 19.85 -2.76
C ALA A 56 -11.14 19.46 -1.29
N VAL A 57 -10.17 18.82 -0.63
CA VAL A 57 -10.38 18.46 0.81
C VAL A 57 -10.78 19.78 1.62
N CYS A 58 -10.31 20.98 1.25
CA CYS A 58 -10.62 22.22 2.00
C CYS A 58 -12.11 22.61 1.96
N SER A 59 -12.87 21.78 1.26
CA SER A 59 -14.29 21.87 1.10
C SER A 59 -14.94 20.60 1.61
N GLN A 60 -14.22 19.70 2.28
CA GLN A 60 -14.90 18.50 2.75
C GLN A 60 -15.25 18.52 4.25
N LYS A 61 -14.76 17.57 5.06
CA LYS A 61 -15.15 17.51 6.45
C LYS A 61 -14.35 18.48 7.35
N ASN A 62 -15.02 19.51 7.90
CA ASN A 62 -14.32 20.52 8.75
C ASN A 62 -14.08 19.84 10.12
N VAL A 63 -12.85 19.88 10.62
CA VAL A 63 -12.51 19.22 11.89
C VAL A 63 -11.53 20.13 12.60
N ALA A 64 -11.33 19.86 13.89
CA ALA A 64 -10.39 20.68 14.67
C ALA A 64 -8.99 20.21 14.36
N CYS A 65 -8.05 21.13 14.24
CA CYS A 65 -6.64 20.75 14.00
C CYS A 65 -6.07 20.27 15.34
N LYS A 66 -4.93 19.63 15.30
CA LYS A 66 -4.30 19.18 16.54
C LYS A 66 -4.03 20.44 17.47
N ASN A 67 -3.65 21.54 16.87
CA ASN A 67 -3.36 22.70 17.72
C ASN A 67 -4.59 23.49 18.17
N GLY A 68 -5.80 22.93 17.89
CA GLY A 68 -7.03 23.58 18.28
C GLY A 68 -7.57 24.55 17.26
N GLN A 69 -6.85 24.83 16.16
CA GLN A 69 -7.43 25.76 15.18
C GLN A 69 -8.64 25.05 14.57
N THR A 70 -9.53 25.83 14.00
CA THR A 70 -10.74 25.29 13.44
C THR A 70 -10.78 25.31 11.89
N ASN A 71 -9.64 25.43 11.24
CA ASN A 71 -9.62 25.50 9.78
C ASN A 71 -9.00 24.21 9.18
N CYS A 72 -9.13 23.09 9.91
CA CYS A 72 -8.65 21.83 9.37
C CYS A 72 -9.80 21.11 8.68
N TYR A 73 -9.44 20.24 7.73
CA TYR A 73 -10.39 19.50 6.92
C TYR A 73 -9.93 18.09 6.74
N GLN A 74 -10.86 17.19 6.89
CA GLN A 74 -10.50 15.80 6.68
C GLN A 74 -11.09 15.26 5.35
N SER A 75 -10.32 14.46 4.56
CA SER A 75 -10.85 14.03 3.31
C SER A 75 -11.98 13.01 3.49
N TYR A 76 -13.04 13.16 2.70
CA TYR A 76 -14.15 12.21 2.81
C TYR A 76 -13.70 10.78 2.45
N SER A 77 -12.82 10.66 1.50
CA SER A 77 -12.33 9.39 1.09
C SER A 77 -10.88 9.19 1.54
N THR A 78 -10.43 7.93 1.50
CA THR A 78 -8.99 7.62 1.77
C THR A 78 -8.17 8.04 0.51
N MET A 79 -6.94 8.42 0.75
CA MET A 79 -6.06 8.82 -0.32
C MET A 79 -4.80 8.00 -0.14
N SER A 80 -4.14 7.71 -1.28
CA SER A 80 -2.91 6.96 -1.31
C SER A 80 -1.81 7.95 -0.79
N ILE A 81 -1.03 7.56 0.22
CA ILE A 81 0.00 8.43 0.77
C ILE A 81 1.20 7.56 1.10
N THR A 82 2.31 8.23 1.45
CA THR A 82 3.54 7.57 1.86
C THR A 82 4.07 8.32 3.07
N ASP A 83 4.30 7.61 4.18
CA ASP A 83 4.84 8.27 5.34
C ASP A 83 6.35 8.05 5.30
N CYS A 84 7.10 9.11 5.62
CA CYS A 84 8.54 9.01 5.64
C CYS A 84 8.93 9.25 7.09
N ARG A 85 9.71 8.35 7.68
CA ARG A 85 10.12 8.45 9.09
C ARG A 85 11.64 8.28 9.14
N GLU A 86 12.31 9.12 9.93
CA GLU A 86 13.77 8.99 10.02
C GLU A 86 14.18 7.67 10.61
N THR A 87 15.16 6.97 10.05
CA THR A 87 15.59 5.71 10.71
C THR A 87 16.36 6.02 11.98
N GLY A 88 16.63 4.95 12.73
CA GLY A 88 17.38 5.06 13.96
C GLY A 88 18.84 5.51 13.71
N SER A 89 19.46 5.08 12.60
CA SER A 89 20.84 5.46 12.29
C SER A 89 20.92 6.79 11.60
N SER A 90 19.85 7.23 10.95
CA SER A 90 19.88 8.55 10.24
C SER A 90 20.69 9.63 10.96
N LYS A 91 21.63 10.29 10.27
CA LYS A 91 22.46 11.30 10.92
C LYS A 91 22.82 12.35 9.96
N TYR A 92 22.40 13.60 10.16
CA TYR A 92 22.76 14.60 9.15
C TYR A 92 24.30 14.62 8.95
N PRO A 93 24.86 14.83 7.70
CA PRO A 93 24.24 15.07 6.41
C PRO A 93 23.89 13.78 5.66
N ASN A 94 23.73 12.66 6.40
CA ASN A 94 23.42 11.37 5.78
C ASN A 94 22.03 10.93 6.30
N CYS A 95 21.03 11.74 5.96
CA CYS A 95 19.66 11.49 6.41
C CYS A 95 19.18 10.13 5.81
N ALA A 96 18.37 9.40 6.54
CA ALA A 96 17.91 8.06 6.11
C ALA A 96 16.51 7.93 6.62
N TYR A 97 15.63 7.36 5.78
CA TYR A 97 14.20 7.24 6.09
C TYR A 97 13.57 5.90 5.80
N LYS A 98 12.60 5.52 6.60
CA LYS A 98 11.86 4.26 6.35
C LYS A 98 10.63 4.77 5.56
N THR A 99 10.25 4.06 4.53
CA THR A 99 9.14 4.42 3.70
C THR A 99 7.96 3.50 3.97
N THR A 100 6.79 4.07 4.31
CA THR A 100 5.63 3.21 4.55
C THR A 100 4.45 3.73 3.74
N GLN A 101 3.92 2.92 2.83
CA GLN A 101 2.79 3.39 2.05
C GLN A 101 1.47 3.08 2.80
N ALA A 102 0.42 3.90 2.59
CA ALA A 102 -0.86 3.71 3.25
C ALA A 102 -1.97 4.30 2.42
N ASN A 103 -3.20 4.03 2.81
CA ASN A 103 -4.36 4.61 2.16
C ASN A 103 -5.16 5.03 3.35
N LYS A 104 -5.27 6.36 3.57
CA LYS A 104 -5.95 6.86 4.77
C LYS A 104 -6.59 8.18 4.48
N HIS A 105 -7.42 8.65 5.40
CA HIS A 105 -7.99 9.97 5.16
C HIS A 105 -6.92 10.98 5.59
N ILE A 106 -6.83 12.10 4.90
CA ILE A 106 -5.82 13.08 5.31
C ILE A 106 -6.53 14.26 5.98
N ILE A 107 -5.80 14.98 6.81
CA ILE A 107 -6.37 16.14 7.48
C ILE A 107 -5.38 17.25 7.22
N VAL A 108 -5.84 18.37 6.62
CA VAL A 108 -4.98 19.50 6.23
C VAL A 108 -5.58 20.82 6.77
N ALA A 109 -4.75 21.77 7.11
CA ALA A 109 -5.32 23.07 7.54
C ALA A 109 -5.31 23.89 6.21
N CYS A 110 -6.32 24.68 6.03
CA CYS A 110 -6.47 25.42 4.81
C CYS A 110 -6.58 26.92 5.14
N GLU A 111 -6.15 27.76 4.22
CA GLU A 111 -6.22 29.21 4.39
C GLU A 111 -6.03 29.85 3.05
N GLY A 112 -6.44 31.11 2.98
CA GLY A 112 -6.17 31.86 1.79
C GLY A 112 -7.28 32.01 0.82
N ASN A 113 -7.00 32.76 -0.22
CA ASN A 113 -7.96 33.00 -1.25
C ASN A 113 -7.21 32.77 -2.53
N PRO A 114 -7.47 31.65 -3.23
CA PRO A 114 -8.41 30.52 -2.97
C PRO A 114 -7.97 29.76 -1.70
N TYR A 115 -8.93 29.09 -1.10
CA TYR A 115 -8.77 28.37 0.16
C TYR A 115 -8.09 27.01 -0.12
N VAL A 116 -6.82 26.89 0.18
CA VAL A 116 -6.15 25.66 -0.21
C VAL A 116 -5.34 25.17 1.00
N PRO A 117 -4.82 23.93 0.95
CA PRO A 117 -4.03 23.39 2.05
C PRO A 117 -2.70 24.19 2.29
N VAL A 118 -2.39 24.47 3.55
CA VAL A 118 -1.14 25.13 3.84
C VAL A 118 -0.37 24.28 4.89
N HIS A 119 -1.01 23.26 5.44
CA HIS A 119 -0.31 22.43 6.48
C HIS A 119 -0.88 21.01 6.47
N PHE A 120 -0.04 19.96 6.67
CA PHE A 120 -0.52 18.56 6.73
C PHE A 120 -0.64 18.30 8.25
N ASP A 121 -1.86 18.09 8.72
CA ASP A 121 -2.03 17.90 10.17
C ASP A 121 -1.95 16.39 10.62
N ALA A 122 -2.47 15.47 9.81
CA ALA A 122 -2.54 14.05 10.24
C ALA A 122 -3.17 13.15 9.18
N SER A 123 -3.05 11.83 9.34
CA SER A 123 -3.79 10.87 8.47
C SER A 123 -4.53 9.99 9.51
N VAL A 124 -5.79 9.65 9.19
CA VAL A 124 -6.64 8.85 10.05
C VAL A 124 -7.24 7.67 9.23
N LYS B 1 9.38 35.15 -1.63
CA LYS B 1 9.31 34.29 -0.40
C LYS B 1 8.28 33.27 -0.80
N GLU B 2 8.61 31.99 -0.70
CA GLU B 2 7.68 30.93 -1.08
C GLU B 2 6.31 31.06 -0.37
N THR B 3 5.19 30.97 -1.07
CA THR B 3 3.93 31.08 -0.34
C THR B 3 3.62 29.81 0.50
N ALA B 4 2.76 29.93 1.49
CA ALA B 4 2.32 28.80 2.34
C ALA B 4 1.74 27.72 1.44
N ALA B 5 0.95 28.10 0.45
CA ALA B 5 0.43 27.09 -0.51
C ALA B 5 1.54 26.35 -1.28
N ALA B 6 2.53 27.08 -1.82
CA ALA B 6 3.56 26.37 -2.56
C ALA B 6 4.44 25.57 -1.56
N LYS B 7 4.67 26.03 -0.33
CA LYS B 7 5.47 25.20 0.60
C LYS B 7 4.72 23.83 0.81
N PHE B 8 3.40 23.88 0.96
CA PHE B 8 2.65 22.64 1.17
C PHE B 8 2.82 21.75 -0.04
N GLU B 9 2.77 22.28 -1.26
CA GLU B 9 2.85 21.43 -2.50
C GLU B 9 4.23 20.79 -2.54
N ARG B 10 5.19 21.59 -2.13
CA ARG B 10 6.60 21.11 -2.13
C ARG B 10 6.80 20.03 -1.12
N GLN B 11 6.34 20.26 0.10
CA GLN B 11 6.51 19.24 1.11
C GLN B 11 5.66 18.06 0.98
N HIS B 12 4.46 18.19 0.35
CA HIS B 12 3.53 17.07 0.43
C HIS B 12 2.95 16.43 -0.84
N MET B 13 3.02 17.13 -1.98
CA MET B 13 2.41 16.65 -3.22
C MET B 13 3.34 15.85 -4.09
N ASP B 14 2.93 14.62 -4.41
CA ASP B 14 3.65 13.81 -5.36
C ASP B 14 2.58 12.95 -6.07
N SER B 15 1.77 13.54 -6.97
CA SER B 15 0.70 12.75 -7.64
C SER B 15 1.33 11.64 -8.47
N SER B 16 0.85 10.39 -8.38
CA SER B 16 1.58 9.40 -9.19
C SER B 16 1.25 9.44 -10.69
N THR B 17 2.19 9.00 -11.51
CA THR B 17 2.01 8.93 -12.96
C THR B 17 1.16 7.66 -13.21
N SER B 18 0.74 7.41 -14.44
CA SER B 18 -0.07 6.18 -14.66
C SER B 18 0.82 4.90 -14.52
N PRO B 19 2.05 4.91 -15.10
CA PRO B 19 2.94 3.74 -14.99
C PRO B 19 3.21 3.37 -13.51
N ALA B 20 3.35 4.41 -12.65
CA ALA B 20 3.65 4.20 -11.21
C ALA B 20 2.38 4.01 -10.31
N SER B 21 1.18 4.05 -10.89
CA SER B 21 0.01 3.95 -10.00
C SER B 21 -0.26 2.52 -9.52
N SER B 22 -0.96 2.38 -8.38
CA SER B 22 -1.24 1.02 -7.84
C SER B 22 -2.10 0.15 -8.76
N SER B 23 -2.93 0.81 -9.56
CA SER B 23 -3.82 0.12 -10.48
C SER B 23 -2.97 -0.76 -11.44
N ASN B 24 -1.67 -0.45 -11.57
CA ASN B 24 -0.80 -1.25 -12.44
C ASN B 24 0.02 -2.31 -11.68
N TYR B 25 -0.20 -2.38 -10.37
CA TYR B 25 0.52 -3.38 -9.56
C TYR B 25 0.34 -4.77 -10.10
N CYS B 26 -0.90 -5.21 -10.33
CA CYS B 26 -1.07 -6.61 -10.79
C CYS B 26 -0.39 -6.89 -12.14
N ASN B 27 -0.50 -5.99 -13.07
CA ASN B 27 0.09 -6.23 -14.38
C ASN B 27 1.65 -6.47 -14.29
N LEU B 28 2.29 -5.66 -13.45
CA LEU B 28 3.74 -5.79 -13.28
C LEU B 28 4.07 -7.10 -12.52
N MET B 29 3.34 -7.30 -11.39
CA MET B 29 3.61 -8.44 -10.51
C MET B 29 3.32 -9.84 -11.16
N MET B 30 2.16 -9.96 -11.82
CA MET B 30 1.81 -11.24 -12.45
C MET B 30 2.95 -11.59 -13.47
N ARG B 33 6.49 -12.34 -11.40
CA ARG B 33 6.50 -13.59 -10.62
C ARG B 33 6.33 -14.75 -11.55
N ASN B 34 6.41 -14.47 -12.83
CA ASN B 34 6.29 -15.49 -13.87
C ASN B 34 4.97 -16.18 -13.91
N LEU B 35 3.86 -15.47 -13.70
CA LEU B 35 2.57 -16.17 -13.74
C LEU B 35 1.85 -15.96 -15.08
N THR B 36 2.51 -15.33 -16.06
CA THR B 36 1.92 -15.08 -17.37
C THR B 36 2.83 -15.67 -18.52
N LYS B 37 3.76 -16.56 -18.21
CA LYS B 37 4.65 -17.02 -19.28
C LYS B 37 4.03 -17.94 -20.35
N ASP B 38 3.10 -18.78 -19.93
CA ASP B 38 2.51 -19.77 -20.80
C ASP B 38 1.09 -19.48 -21.19
N ARG B 39 0.38 -18.84 -20.26
CA ARG B 39 -1.01 -18.44 -20.45
C ARG B 39 -1.30 -17.41 -19.34
N CYS B 40 -2.41 -16.67 -19.41
CA CYS B 40 -2.71 -15.70 -18.34
C CYS B 40 -3.32 -16.40 -17.05
N LYS B 41 -2.67 -16.39 -15.90
CA LYS B 41 -3.33 -17.04 -14.75
C LYS B 41 -4.56 -16.20 -14.53
N PRO B 42 -5.76 -16.79 -14.54
CA PRO B 42 -6.95 -15.99 -14.31
C PRO B 42 -7.09 -15.18 -13.07
N VAL B 43 -6.77 -15.76 -11.93
CA VAL B 43 -6.91 -15.04 -10.63
C VAL B 43 -5.67 -15.41 -9.75
N ASN B 44 -5.17 -14.50 -8.94
CA ASN B 44 -4.02 -14.83 -8.09
C ASN B 44 -4.01 -13.74 -6.99
N THR B 45 -3.71 -14.09 -5.77
CA THR B 45 -3.75 -13.14 -4.68
C THR B 45 -2.32 -13.03 -4.15
N PHE B 46 -1.95 -11.79 -3.85
CA PHE B 46 -0.66 -11.51 -3.21
C PHE B 46 -0.98 -11.13 -1.74
N VAL B 47 -0.13 -11.57 -0.83
CA VAL B 47 -0.39 -11.32 0.56
C VAL B 47 0.73 -10.40 1.13
N HIS B 48 0.35 -9.29 1.74
CA HIS B 48 1.39 -8.38 2.21
C HIS B 48 1.88 -8.46 3.68
N GLU B 49 1.43 -9.44 4.43
CA GLU B 49 1.79 -9.66 5.80
C GLU B 49 3.14 -10.36 5.83
N SER B 50 3.72 -10.51 7.02
CA SER B 50 5.01 -11.20 7.02
C SER B 50 4.84 -12.66 6.64
N LEU B 51 5.96 -13.29 6.23
CA LEU B 51 5.93 -14.76 5.93
C LEU B 51 5.58 -15.50 7.20
N ALA B 52 6.08 -15.05 8.35
CA ALA B 52 5.76 -15.74 9.63
C ALA B 52 4.21 -15.74 9.80
N ASP B 53 3.54 -14.59 9.61
CA ASP B 53 2.13 -14.62 9.85
C ASP B 53 1.38 -15.50 8.87
N VAL B 54 1.85 -15.52 7.61
CA VAL B 54 1.17 -16.38 6.63
C VAL B 54 1.42 -17.85 6.96
N GLN B 55 2.68 -18.25 7.26
CA GLN B 55 2.99 -19.65 7.63
C GLN B 55 2.19 -20.05 8.84
N ALA B 56 1.92 -19.08 9.71
CA ALA B 56 1.18 -19.36 10.96
C ALA B 56 -0.23 -19.85 10.72
N VAL B 57 -0.77 -19.52 9.55
CA VAL B 57 -2.14 -19.89 9.20
C VAL B 57 -2.33 -21.37 9.14
N CYS B 58 -1.24 -22.09 8.91
CA CYS B 58 -1.37 -23.54 8.82
C CYS B 58 -1.72 -24.10 10.20
N SER B 59 -1.69 -23.28 11.26
CA SER B 59 -2.11 -23.85 12.54
C SER B 59 -3.31 -23.10 13.08
N GLN B 60 -4.10 -22.45 12.18
CA GLN B 60 -5.26 -21.69 12.60
C GLN B 60 -6.57 -22.42 12.32
N LYS B 61 -7.56 -21.79 11.67
CA LYS B 61 -8.87 -22.46 11.49
C LYS B 61 -8.97 -23.45 10.35
N ASN B 62 -9.04 -24.75 10.66
CA ASN B 62 -9.11 -25.80 9.62
C ASN B 62 -10.43 -25.67 8.92
N VAL B 63 -10.45 -25.63 7.57
CA VAL B 63 -11.70 -25.52 6.79
C VAL B 63 -11.59 -26.45 5.56
N ALA B 64 -12.69 -26.74 4.88
CA ALA B 64 -12.57 -27.57 3.73
C ALA B 64 -11.92 -26.79 2.62
N CYS B 65 -11.11 -27.48 1.83
CA CYS B 65 -10.53 -26.82 0.62
C CYS B 65 -11.61 -26.84 -0.51
N LYS B 66 -11.52 -25.96 -1.48
CA LYS B 66 -12.52 -26.03 -2.59
C LYS B 66 -12.46 -27.39 -3.37
N ASN B 67 -11.29 -28.04 -3.40
CA ASN B 67 -11.17 -29.29 -4.13
C ASN B 67 -11.57 -30.49 -3.33
N GLY B 68 -12.03 -30.29 -2.09
CA GLY B 68 -12.42 -31.43 -1.32
C GLY B 68 -11.51 -31.91 -0.20
N GLN B 69 -10.25 -31.49 -0.23
CA GLN B 69 -9.32 -31.92 0.78
C GLN B 69 -9.57 -31.18 2.04
N THR B 70 -8.92 -31.62 3.12
CA THR B 70 -9.10 -30.97 4.37
C THR B 70 -7.82 -30.49 5.05
N ASN B 71 -6.78 -30.22 4.22
CA ASN B 71 -5.51 -29.66 4.70
C ASN B 71 -5.57 -28.14 4.44
N CYS B 72 -6.78 -27.55 4.36
CA CYS B 72 -6.89 -26.06 4.22
C CYS B 72 -7.15 -25.40 5.60
N TYR B 73 -6.63 -24.17 5.71
CA TYR B 73 -6.71 -23.36 6.91
C TYR B 73 -7.02 -21.84 6.59
N GLN B 74 -7.89 -21.25 7.41
CA GLN B 74 -8.25 -19.84 7.25
C GLN B 74 -7.57 -19.11 8.36
N SER B 75 -7.03 -17.93 8.07
CA SER B 75 -6.41 -17.13 9.11
C SER B 75 -7.52 -16.67 10.11
N TYR B 76 -7.18 -16.53 11.38
CA TYR B 76 -8.18 -16.04 12.36
C TYR B 76 -8.38 -14.54 12.09
N SER B 77 -7.33 -13.87 11.60
CA SER B 77 -7.49 -12.42 11.30
C SER B 77 -7.46 -12.08 9.84
N THR B 78 -7.95 -10.87 9.50
CA THR B 78 -7.93 -10.39 8.15
C THR B 78 -6.44 -9.96 7.93
N MET B 79 -6.03 -9.95 6.66
CA MET B 79 -4.63 -9.64 6.28
C MET B 79 -4.69 -8.76 5.10
N SER B 80 -3.67 -7.91 4.93
CA SER B 80 -3.67 -7.01 3.81
C SER B 80 -3.27 -7.86 2.61
N ILE B 81 -4.11 -7.84 1.60
CA ILE B 81 -3.83 -8.58 0.38
C ILE B 81 -4.18 -7.72 -0.83
N THR B 82 -3.73 -8.16 -2.00
CA THR B 82 -4.04 -7.48 -3.26
C THR B 82 -4.56 -8.64 -4.17
N ASP B 83 -5.76 -8.50 -4.72
CA ASP B 83 -6.39 -9.48 -5.61
C ASP B 83 -6.17 -9.06 -7.09
N CYS B 84 -5.67 -10.00 -7.89
CA CYS B 84 -5.42 -9.73 -9.29
C CYS B 84 -6.34 -10.67 -10.10
N ARG B 85 -7.09 -10.12 -11.02
CA ARG B 85 -7.90 -10.94 -11.90
C ARG B 85 -7.99 -10.32 -13.29
N GLU B 86 -7.91 -11.24 -14.23
CA GLU B 86 -7.86 -10.90 -15.64
C GLU B 86 -9.00 -10.00 -16.07
N THR B 87 -8.69 -8.92 -16.82
CA THR B 87 -9.72 -7.97 -17.29
C THR B 87 -10.36 -8.64 -18.50
N GLY B 88 -11.55 -8.20 -18.90
CA GLY B 88 -12.20 -8.83 -20.05
C GLY B 88 -11.43 -8.69 -21.36
N SER B 89 -10.55 -7.72 -21.45
CA SER B 89 -9.80 -7.56 -22.68
C SER B 89 -8.41 -8.22 -22.69
N SER B 90 -7.98 -8.78 -21.54
CA SER B 90 -6.70 -9.48 -21.40
C SER B 90 -6.61 -10.63 -22.39
N LYS B 91 -5.47 -10.75 -23.11
CA LYS B 91 -5.31 -11.87 -24.05
C LYS B 91 -3.83 -12.26 -24.12
N TYR B 92 -3.50 -13.50 -23.77
CA TYR B 92 -2.09 -13.95 -23.75
C TYR B 92 -1.42 -13.72 -25.11
N PRO B 93 -0.13 -13.27 -25.16
CA PRO B 93 0.79 -12.95 -24.05
C PRO B 93 0.63 -11.55 -23.45
N ASN B 94 -0.32 -10.75 -23.94
CA ASN B 94 -0.63 -9.43 -23.38
C ASN B 94 -1.67 -9.53 -22.23
N CYS B 95 -1.32 -10.25 -21.17
CA CYS B 95 -2.22 -10.42 -20.06
C CYS B 95 -2.54 -9.06 -19.37
N ALA B 96 -3.76 -8.89 -18.86
CA ALA B 96 -4.02 -7.61 -18.20
C ALA B 96 -4.88 -7.93 -17.02
N TYR B 97 -4.65 -7.20 -15.95
CA TYR B 97 -5.32 -7.49 -14.73
C TYR B 97 -5.90 -6.26 -14.02
N LYS B 98 -7.00 -6.48 -13.31
CA LYS B 98 -7.59 -5.43 -12.42
C LYS B 98 -6.98 -5.69 -11.03
N THR B 99 -6.46 -4.62 -10.43
CA THR B 99 -5.85 -4.65 -9.09
C THR B 99 -6.87 -4.21 -8.02
N THR B 100 -7.02 -4.99 -6.98
CA THR B 100 -7.94 -4.67 -5.88
C THR B 100 -7.24 -4.96 -4.57
N GLN B 101 -6.97 -3.91 -3.79
CA GLN B 101 -6.30 -4.01 -2.48
C GLN B 101 -7.42 -4.29 -1.50
N ALA B 102 -7.21 -5.16 -0.51
CA ALA B 102 -8.28 -5.42 0.44
C ALA B 102 -7.73 -5.93 1.75
N ASN B 103 -8.62 -6.15 2.71
CA ASN B 103 -8.19 -6.74 3.97
C ASN B 103 -9.18 -7.86 4.16
N LYS B 104 -8.71 -9.11 4.07
CA LYS B 104 -9.58 -10.29 4.17
C LYS B 104 -8.86 -11.44 4.82
N HIS B 105 -9.62 -12.42 5.23
CA HIS B 105 -9.04 -13.62 5.78
C HIS B 105 -8.49 -14.39 4.60
N ILE B 106 -7.43 -15.17 4.77
CA ILE B 106 -6.98 -15.96 3.62
C ILE B 106 -7.15 -17.43 3.99
N ILE B 107 -7.32 -18.23 2.97
CA ILE B 107 -7.44 -19.63 3.15
C ILE B 107 -6.31 -20.25 2.31
N VAL B 108 -5.47 -21.06 2.95
CA VAL B 108 -4.36 -21.71 2.24
C VAL B 108 -4.34 -23.19 2.44
N ALA B 109 -3.73 -23.93 1.51
CA ALA B 109 -3.61 -25.39 1.72
C ALA B 109 -2.17 -25.56 2.21
N CYS B 110 -1.99 -26.39 3.23
CA CYS B 110 -0.69 -26.68 3.81
C CYS B 110 -0.18 -28.13 3.67
N GLU B 111 1.13 -28.30 3.53
CA GLU B 111 1.59 -29.69 3.42
C GLU B 111 3.03 -29.58 3.82
N GLY B 112 3.65 -30.74 4.05
CA GLY B 112 5.06 -30.90 4.39
C GLY B 112 5.50 -30.84 5.83
N ASN B 113 6.82 -30.88 5.99
CA ASN B 113 7.44 -30.82 7.31
C ASN B 113 8.61 -29.88 7.18
N PRO B 114 8.53 -28.65 7.72
CA PRO B 114 7.41 -28.08 8.47
C PRO B 114 6.11 -27.97 7.66
N TYR B 115 5.02 -27.83 8.36
CA TYR B 115 3.73 -27.78 7.69
C TYR B 115 3.54 -26.33 7.31
N VAL B 116 3.71 -26.04 6.03
CA VAL B 116 3.58 -24.68 5.55
C VAL B 116 2.63 -24.52 4.32
N PRO B 117 2.27 -23.28 3.92
CA PRO B 117 1.37 -23.05 2.77
C PRO B 117 1.97 -23.53 1.44
N VAL B 118 1.21 -24.34 0.68
CA VAL B 118 1.67 -24.74 -0.63
C VAL B 118 0.63 -24.33 -1.73
N HIS B 119 -0.58 -23.91 -1.37
CA HIS B 119 -1.53 -23.43 -2.39
C HIS B 119 -2.40 -22.33 -1.76
N PHE B 120 -2.87 -21.36 -2.53
CA PHE B 120 -3.72 -20.25 -2.00
C PHE B 120 -5.14 -20.59 -2.49
N ASP B 121 -6.02 -20.88 -1.55
CA ASP B 121 -7.31 -21.31 -1.93
C ASP B 121 -8.34 -20.19 -2.12
N ALA B 122 -8.43 -19.22 -1.22
CA ALA B 122 -9.43 -18.16 -1.37
C ALA B 122 -9.17 -17.05 -0.39
N SER B 123 -9.80 -15.89 -0.60
CA SER B 123 -9.70 -14.83 0.41
C SER B 123 -11.23 -14.62 0.73
N VAL B 124 -11.55 -14.33 1.98
CA VAL B 124 -12.94 -14.19 2.39
C VAL B 124 -13.09 -13.12 3.48
#